data_1AGB
#
_entry.id   1AGB
#
_cell.length_a   51.000
_cell.length_b   81.600
_cell.length_c   111.600
_cell.angle_alpha   90.00
_cell.angle_beta   90.00
_cell.angle_gamma   90.00
#
_symmetry.space_group_name_H-M   'P 21 21 21'
#
loop_
_entity.id
_entity.type
_entity.pdbx_description
1 polymer B*0801
2 polymer 'BETA-2 MICROGLOBULIN'
3 polymer 'HIV-1 GAG PEPTIDE (GGRKKYKL - 3R MUTATION)'
4 water water
#
loop_
_entity_poly.entity_id
_entity_poly.type
_entity_poly.pdbx_seq_one_letter_code
_entity_poly.pdbx_strand_id
1 'polypeptide(L)'
;GSHSMRYFDTAMSRPGRGEPRFISVGYVDDTQFVRFDSDAASPREEPRAPWIEQEGPEYWDRNTQIFKTNTQTDRESLRN
LRGYYNQSEAGSHTLQSMYGCDVGPDGRLLRGHNQYAYDGKDYIALNEDLRSWTAADTAAQITQRKWEAARVAEQDRAYL
EGTCVEWLRRYLENGKDTLERADPPKTHVTHHPISDHEATLRCWALGFYPAEITLTWQRDGEDQTQDTELVETRPAGDRT
FQKWAAVVVPSGEEQRYTCHVQHEGLPKPLTLRWEP
;
A
2 'polypeptide(L)'
;IQRTPKIQVYSRHPAENGKSNFLNCYVSGFHPSDIEVDLLKNGERIEKVEHSDLSFSKDWSFYLLYYTEFTPTEKDEYAC
RVNHVTLSQPKIVKWDRDM
;
B
3 'polypeptide(L)' GGRKKYKL C
#
# COMPACT_ATOMS: atom_id res chain seq x y z
N GLY A 1 -6.15 -18.95 -6.29
CA GLY A 1 -5.28 -19.00 -5.07
C GLY A 1 -5.72 -17.95 -4.07
N SER A 2 -5.62 -18.26 -2.79
CA SER A 2 -6.10 -17.31 -1.82
C SER A 2 -5.06 -16.44 -1.07
N HIS A 3 -3.78 -16.83 -1.07
CA HIS A 3 -2.79 -16.03 -0.33
C HIS A 3 -1.44 -15.69 -1.00
N SER A 4 -0.76 -14.70 -0.46
CA SER A 4 0.55 -14.28 -0.96
C SER A 4 1.42 -13.67 0.12
N MET A 5 2.72 -13.88 0.01
CA MET A 5 3.70 -13.28 0.90
C MET A 5 4.56 -12.39 -0.03
N ARG A 6 4.88 -11.18 0.44
CA ARG A 6 5.64 -10.25 -0.39
C ARG A 6 6.46 -9.23 0.44
N TYR A 7 7.67 -8.91 -0.04
CA TYR A 7 8.56 -7.92 0.57
C TYR A 7 8.69 -6.71 -0.33
N PHE A 8 8.46 -5.52 0.22
CA PHE A 8 8.56 -4.26 -0.50
C PHE A 8 9.78 -3.50 0.08
N ASP A 9 10.88 -3.50 -0.67
CA ASP A 9 12.15 -2.89 -0.30
C ASP A 9 12.38 -1.56 -1.03
N THR A 10 12.76 -0.50 -0.31
CA THR A 10 13.03 0.82 -0.93
C THR A 10 14.44 1.29 -0.48
N ALA A 11 15.28 1.70 -1.44
CA ALA A 11 16.61 2.23 -1.13
C ALA A 11 16.65 3.61 -1.81
N MET A 12 16.98 4.64 -1.03
CA MET A 12 17.01 6.03 -1.54
C MET A 12 18.35 6.70 -1.24
N SER A 13 18.98 7.25 -2.27
CA SER A 13 20.25 7.92 -2.07
C SER A 13 19.94 9.37 -1.64
N ARG A 14 20.88 10.00 -0.94
CA ARG A 14 20.68 11.37 -0.47
C ARG A 14 22.10 11.92 -0.32
N PRO A 15 22.72 12.34 -1.44
CA PRO A 15 24.10 12.87 -1.39
C PRO A 15 24.26 14.06 -0.41
N GLY A 16 25.23 13.94 0.49
CA GLY A 16 25.47 14.99 1.46
C GLY A 16 24.72 14.78 2.77
N ARG A 17 23.88 13.74 2.84
CA ARG A 17 23.09 13.41 4.01
C ARG A 17 23.20 11.96 4.43
N GLY A 18 24.39 11.40 4.29
CA GLY A 18 24.63 10.02 4.66
C GLY A 18 24.48 8.98 3.57
N GLU A 19 24.64 7.72 4.00
CA GLU A 19 24.53 6.54 3.16
C GLU A 19 23.05 6.36 2.74
N PRO A 20 22.78 5.75 1.57
CA PRO A 20 21.37 5.58 1.17
C PRO A 20 20.50 4.86 2.22
N ARG A 21 19.31 5.41 2.47
CA ARG A 21 18.42 4.76 3.42
C ARG A 21 17.75 3.53 2.81
N PHE A 22 17.73 2.42 3.55
CA PHE A 22 17.11 1.15 3.15
C PHE A 22 16.02 0.68 4.14
N ILE A 23 14.81 0.50 3.62
CA ILE A 23 13.70 0.00 4.41
C ILE A 23 13.01 -1.16 3.67
N SER A 24 12.68 -2.20 4.44
CA SER A 24 12.02 -3.38 3.92
C SER A 24 10.85 -3.77 4.80
N VAL A 25 9.65 -3.79 4.24
CA VAL A 25 8.45 -4.22 4.99
C VAL A 25 7.91 -5.55 4.40
N GLY A 26 7.58 -6.52 5.25
CA GLY A 26 7.06 -7.79 4.78
C GLY A 26 5.55 -7.88 5.05
N TYR A 27 4.81 -8.49 4.12
CA TYR A 27 3.35 -8.66 4.18
C TYR A 27 2.86 -10.09 3.85
N VAL A 28 1.70 -10.47 4.42
CA VAL A 28 1.01 -11.71 4.06
C VAL A 28 -0.35 -11.07 3.70
N ASP A 29 -0.67 -11.08 2.41
CA ASP A 29 -1.87 -10.44 1.91
C ASP A 29 -1.83 -8.94 2.26
N ASP A 30 -2.87 -8.37 2.86
CA ASP A 30 -2.86 -6.95 3.21
C ASP A 30 -2.52 -6.71 4.70
N THR A 31 -1.78 -7.64 5.28
CA THR A 31 -1.37 -7.61 6.67
C THR A 31 0.16 -7.53 6.79
N GLN A 32 0.69 -6.40 7.29
CA GLN A 32 2.15 -6.25 7.47
C GLN A 32 2.60 -7.09 8.68
N PHE A 33 3.74 -7.78 8.62
CA PHE A 33 4.19 -8.56 9.75
C PHE A 33 5.62 -8.30 10.24
N VAL A 34 6.44 -7.65 9.39
CA VAL A 34 7.83 -7.26 9.74
C VAL A 34 8.26 -5.96 9.04
N ARG A 35 9.24 -5.28 9.65
CA ARG A 35 9.85 -4.05 9.14
C ARG A 35 11.32 -4.04 9.54
N PHE A 36 12.13 -3.44 8.67
CA PHE A 36 13.59 -3.26 8.86
C PHE A 36 13.89 -1.90 8.23
N ASP A 37 14.58 -1.05 8.99
CA ASP A 37 14.91 0.30 8.56
C ASP A 37 16.36 0.57 8.98
N SER A 38 17.20 0.95 8.01
CA SER A 38 18.61 1.20 8.31
C SER A 38 18.80 2.47 9.13
N ASP A 39 17.79 3.34 9.10
CA ASP A 39 17.79 4.60 9.88
C ASP A 39 17.28 4.47 11.34
N ALA A 40 16.95 3.27 11.79
CA ALA A 40 16.50 3.04 13.16
C ALA A 40 17.76 3.07 14.02
N ALA A 41 17.63 3.53 15.27
CA ALA A 41 18.76 3.62 16.20
C ALA A 41 19.61 2.35 16.21
N SER A 42 18.93 1.18 16.19
CA SER A 42 19.62 -0.11 16.13
C SER A 42 18.84 -0.97 15.14
N PRO A 43 19.21 -0.90 13.85
CA PRO A 43 18.51 -1.70 12.83
C PRO A 43 18.49 -3.22 13.07
N ARG A 44 17.27 -3.74 13.17
CA ARG A 44 17.02 -5.15 13.39
C ARG A 44 15.65 -5.43 12.76
N GLU A 45 15.40 -6.69 12.42
CA GLU A 45 14.11 -7.09 11.84
C GLU A 45 13.17 -7.15 13.07
N GLU A 46 12.03 -6.44 13.02
CA GLU A 46 11.09 -6.45 14.15
C GLU A 46 9.61 -6.72 13.81
N PRO A 47 8.89 -7.45 14.70
CA PRO A 47 7.47 -7.79 14.48
C PRO A 47 6.52 -6.61 14.35
N ARG A 48 5.49 -6.80 13.52
CA ARG A 48 4.45 -5.79 13.26
C ARG A 48 3.07 -6.49 13.21
N ALA A 49 3.09 -7.78 13.58
CA ALA A 49 1.92 -8.65 13.65
C ALA A 49 2.14 -9.58 14.87
N PRO A 50 1.10 -9.79 15.69
CA PRO A 50 1.20 -10.65 16.88
C PRO A 50 1.62 -12.09 16.61
N TRP A 51 1.14 -12.67 15.52
CA TRP A 51 1.46 -14.06 15.17
C TRP A 51 2.92 -14.35 14.79
N ILE A 52 3.72 -13.32 14.48
CA ILE A 52 5.14 -13.54 14.15
C ILE A 52 5.99 -13.49 15.43
N GLU A 53 5.40 -12.97 16.51
CA GLU A 53 6.12 -12.80 17.79
C GLU A 53 6.62 -14.07 18.44
N GLN A 54 5.91 -15.16 18.23
CA GLN A 54 6.27 -16.44 18.80
C GLN A 54 7.55 -17.01 18.22
N GLU A 55 7.90 -16.53 17.02
CA GLU A 55 9.09 -16.97 16.31
C GLU A 55 10.31 -16.78 17.24
N GLY A 56 11.25 -17.73 17.21
CA GLY A 56 12.42 -17.68 18.09
C GLY A 56 13.53 -16.63 17.93
N PRO A 57 14.54 -16.65 18.81
CA PRO A 57 15.69 -15.72 18.79
C PRO A 57 16.50 -15.86 17.50
N GLU A 58 16.75 -17.11 17.13
CA GLU A 58 17.49 -17.44 15.91
C GLU A 58 16.77 -16.88 14.69
N TYR A 59 15.43 -16.87 14.67
CA TYR A 59 14.70 -16.33 13.53
C TYR A 59 14.96 -14.85 13.37
N TRP A 60 14.98 -14.14 14.49
CA TRP A 60 15.18 -12.70 14.46
C TRP A 60 16.60 -12.32 14.11
N ASP A 61 17.55 -13.08 14.63
CA ASP A 61 18.97 -12.82 14.36
C ASP A 61 19.29 -13.08 12.91
N ARG A 62 18.80 -14.20 12.39
CA ARG A 62 19.06 -14.53 10.99
C ARG A 62 18.47 -13.48 10.04
N ASN A 63 17.21 -13.07 10.24
CA ASN A 63 16.61 -12.11 9.33
C ASN A 63 17.20 -10.72 9.45
N THR A 64 17.75 -10.43 10.63
CA THR A 64 18.41 -9.14 10.86
C THR A 64 19.69 -9.11 10.01
N GLN A 65 20.49 -10.17 10.08
CA GLN A 65 21.73 -10.24 9.29
C GLN A 65 21.41 -10.18 7.80
N ILE A 66 20.35 -10.89 7.38
CA ILE A 66 19.94 -10.91 5.98
C ILE A 66 19.65 -9.48 5.48
N PHE A 67 18.95 -8.68 6.29
CA PHE A 67 18.63 -7.34 5.85
C PHE A 67 19.77 -6.34 5.99
N LYS A 68 20.72 -6.63 6.87
CA LYS A 68 21.88 -5.73 6.98
C LYS A 68 22.71 -5.88 5.68
N THR A 69 22.93 -7.12 5.25
CA THR A 69 23.68 -7.36 4.03
C THR A 69 22.91 -6.84 2.81
N ASN A 70 21.59 -7.04 2.78
CA ASN A 70 20.77 -6.50 1.68
C ASN A 70 20.90 -4.97 1.59
N THR A 71 21.13 -4.32 2.74
CA THR A 71 21.31 -2.84 2.78
C THR A 71 22.58 -2.48 1.99
N GLN A 72 23.68 -3.21 2.22
CA GLN A 72 24.93 -3.01 1.50
C GLN A 72 24.76 -3.28 0.00
N THR A 73 24.20 -4.45 -0.32
CA THR A 73 23.93 -4.86 -1.69
C THR A 73 23.15 -3.82 -2.48
N ASP A 74 22.10 -3.24 -1.90
CA ASP A 74 21.30 -2.23 -2.62
C ASP A 74 22.01 -0.87 -2.72
N ARG A 75 22.95 -0.61 -1.81
CA ARG A 75 23.72 0.63 -1.84
C ARG A 75 24.70 0.51 -3.01
N GLU A 76 25.36 -0.65 -3.13
CA GLU A 76 26.28 -0.89 -4.24
C GLU A 76 25.51 -0.86 -5.55
N SER A 77 24.29 -1.40 -5.56
CA SER A 77 23.45 -1.38 -6.75
C SER A 77 23.06 0.03 -7.16
N LEU A 78 22.85 0.93 -6.19
CA LEU A 78 22.51 2.32 -6.53
C LEU A 78 23.70 3.03 -7.19
N ARG A 79 24.90 2.72 -6.71
CA ARG A 79 26.16 3.27 -7.25
C ARG A 79 26.28 2.81 -8.70
N ASN A 80 26.15 1.50 -8.90
CA ASN A 80 26.23 0.92 -10.22
C ASN A 80 25.23 1.54 -11.17
N LEU A 81 23.97 1.69 -10.73
CA LEU A 81 22.96 2.28 -11.59
C LEU A 81 23.22 3.72 -12.02
N ARG A 82 23.90 4.47 -11.16
CA ARG A 82 24.25 5.86 -11.47
C ARG A 82 25.23 5.81 -12.67
N GLY A 83 26.15 4.84 -12.64
CA GLY A 83 27.10 4.63 -13.70
C GLY A 83 26.39 4.25 -14.98
N TYR A 84 25.51 3.22 -14.93
CA TYR A 84 24.74 2.75 -16.11
C TYR A 84 23.99 3.85 -16.85
N TYR A 85 23.59 4.90 -16.13
CA TYR A 85 22.83 5.98 -16.74
C TYR A 85 23.62 7.27 -16.88
N ASN A 86 24.92 7.23 -16.58
CA ASN A 86 25.78 8.40 -16.72
C ASN A 86 25.24 9.57 -15.88
N GLN A 87 24.73 9.28 -14.69
CA GLN A 87 24.17 10.31 -13.82
C GLN A 87 25.23 10.91 -12.88
N SER A 88 25.05 12.17 -12.46
CA SER A 88 26.02 12.80 -11.54
C SER A 88 25.84 12.29 -10.14
N GLU A 89 26.86 12.43 -9.32
CA GLU A 89 26.74 11.98 -7.94
C GLU A 89 26.07 12.99 -7.02
N ALA A 90 25.48 14.03 -7.61
CA ALA A 90 24.77 15.07 -6.88
C ALA A 90 23.28 14.76 -6.64
N GLY A 91 22.65 14.08 -7.61
CA GLY A 91 21.24 13.77 -7.50
C GLY A 91 20.86 12.62 -6.59
N SER A 92 19.59 12.62 -6.21
CA SER A 92 18.99 11.62 -5.33
C SER A 92 18.22 10.62 -6.22
N HIS A 93 18.35 9.31 -5.94
CA HIS A 93 17.65 8.28 -6.71
C HIS A 93 17.06 7.18 -5.84
N THR A 94 16.01 6.54 -6.35
CA THR A 94 15.29 5.46 -5.66
C THR A 94 15.34 4.11 -6.39
N LEU A 95 15.67 3.04 -5.67
CA LEU A 95 15.69 1.68 -6.20
C LEU A 95 14.66 0.86 -5.37
N GLN A 96 13.53 0.49 -5.97
CA GLN A 96 12.51 -0.31 -5.29
C GLN A 96 12.53 -1.76 -5.77
N SER A 97 12.14 -2.69 -4.90
CA SER A 97 12.03 -4.10 -5.24
C SER A 97 10.88 -4.82 -4.49
N MET A 98 10.17 -5.72 -5.21
CA MET A 98 9.06 -6.52 -4.69
C MET A 98 9.37 -7.95 -5.03
N TYR A 99 9.29 -8.84 -4.06
CA TYR A 99 9.53 -10.26 -4.31
C TYR A 99 8.69 -11.10 -3.34
N GLY A 100 8.29 -12.29 -3.79
CA GLY A 100 7.51 -13.19 -2.98
C GLY A 100 6.84 -14.26 -3.80
N CYS A 101 5.87 -14.96 -3.19
CA CYS A 101 5.16 -16.05 -3.84
C CYS A 101 3.67 -16.00 -3.59
N ASP A 102 2.90 -16.58 -4.50
CA ASP A 102 1.45 -16.67 -4.36
C ASP A 102 1.10 -18.16 -4.26
N VAL A 103 0.19 -18.52 -3.37
CA VAL A 103 -0.24 -19.92 -3.22
C VAL A 103 -1.75 -20.07 -3.29
N GLY A 104 -2.17 -21.27 -3.74
CA GLY A 104 -3.58 -21.56 -3.86
C GLY A 104 -4.18 -21.97 -2.52
N PRO A 105 -5.52 -22.16 -2.46
CA PRO A 105 -6.24 -22.57 -1.25
C PRO A 105 -5.58 -23.79 -0.60
N ASP A 106 -5.01 -24.66 -1.43
CA ASP A 106 -4.32 -25.87 -0.99
C ASP A 106 -2.84 -25.68 -0.59
N GLY A 107 -2.33 -24.46 -0.71
CA GLY A 107 -0.94 -24.21 -0.33
C GLY A 107 0.12 -24.47 -1.41
N ARG A 108 -0.32 -24.75 -2.62
CA ARG A 108 0.62 -25.01 -3.69
C ARG A 108 0.97 -23.73 -4.45
N LEU A 109 2.22 -23.63 -4.90
CA LEU A 109 2.71 -22.49 -5.66
C LEU A 109 1.92 -22.12 -6.91
N LEU A 110 1.39 -20.90 -6.94
CA LEU A 110 0.67 -20.40 -8.10
C LEU A 110 1.66 -19.62 -9.01
N ARG A 111 2.53 -18.81 -8.39
CA ARG A 111 3.55 -18.02 -9.08
C ARG A 111 4.51 -17.23 -8.19
N GLY A 112 5.75 -17.08 -8.67
CA GLY A 112 6.77 -16.33 -7.97
C GLY A 112 6.93 -14.95 -8.59
N HIS A 113 7.57 -14.04 -7.85
CA HIS A 113 7.80 -12.66 -8.28
C HIS A 113 9.15 -12.12 -7.79
N ASN A 114 9.81 -11.33 -8.65
CA ASN A 114 11.08 -10.65 -8.29
C ASN A 114 11.38 -9.57 -9.30
N GLN A 115 10.93 -8.35 -9.02
CA GLN A 115 11.15 -7.23 -9.94
C GLN A 115 11.69 -5.95 -9.30
N TYR A 116 12.21 -5.04 -10.12
CA TYR A 116 12.80 -3.77 -9.67
C TYR A 116 12.36 -2.58 -10.48
N ALA A 117 12.41 -1.39 -9.87
CA ALA A 117 12.07 -0.12 -10.52
C ALA A 117 13.09 0.93 -10.04
N TYR A 118 13.59 1.72 -10.98
CA TYR A 118 14.58 2.74 -10.70
C TYR A 118 13.94 4.07 -11.02
N ASP A 119 13.84 4.94 -10.01
CA ASP A 119 13.21 6.26 -10.13
C ASP A 119 11.80 6.19 -10.66
N GLY A 120 11.09 5.16 -10.20
CA GLY A 120 9.68 4.95 -10.58
C GLY A 120 9.39 4.29 -11.93
N LYS A 121 10.42 3.81 -12.62
CA LYS A 121 10.26 3.18 -13.92
C LYS A 121 10.77 1.77 -13.85
N ASP A 122 9.99 0.84 -14.41
CA ASP A 122 10.36 -0.59 -14.40
C ASP A 122 11.75 -0.74 -14.96
N TYR A 123 12.55 -1.59 -14.33
CA TYR A 123 13.95 -1.80 -14.68
C TYR A 123 14.30 -3.23 -15.11
N ILE A 124 14.08 -4.22 -14.26
CA ILE A 124 14.34 -5.63 -14.60
C ILE A 124 13.35 -6.50 -13.82
N ALA A 125 12.97 -7.66 -14.36
CA ALA A 125 12.01 -8.53 -13.67
C ALA A 125 12.26 -9.98 -14.00
N LEU A 126 12.15 -10.84 -12.99
CA LEU A 126 12.28 -12.29 -13.20
C LEU A 126 10.96 -12.70 -13.87
N ASN A 127 11.04 -13.45 -14.97
CA ASN A 127 9.84 -13.89 -15.68
C ASN A 127 9.09 -14.99 -14.92
N GLU A 128 7.82 -15.18 -15.24
CA GLU A 128 7.01 -16.19 -14.54
C GLU A 128 7.60 -17.61 -14.57
N ASP A 129 8.48 -17.89 -15.52
CA ASP A 129 9.14 -19.19 -15.59
C ASP A 129 10.19 -19.39 -14.51
N LEU A 130 10.54 -18.32 -13.80
CA LEU A 130 11.56 -18.37 -12.73
C LEU A 130 12.91 -18.85 -13.25
N ARG A 131 13.14 -18.56 -14.55
CA ARG A 131 14.39 -18.96 -15.22
C ARG A 131 15.03 -17.88 -16.09
N SER A 132 14.24 -16.93 -16.59
CA SER A 132 14.75 -15.87 -17.47
C SER A 132 14.36 -14.46 -16.98
N TRP A 133 14.94 -13.44 -17.60
CA TRP A 133 14.71 -12.05 -17.23
C TRP A 133 14.23 -11.17 -18.37
N THR A 134 13.53 -10.11 -18.03
CA THR A 134 13.07 -9.11 -18.96
C THR A 134 13.68 -7.78 -18.46
N ALA A 135 14.53 -7.16 -19.29
CA ALA A 135 15.20 -5.89 -18.98
C ALA A 135 14.47 -4.77 -19.74
N ALA A 136 14.23 -3.63 -19.09
CA ALA A 136 13.54 -2.51 -19.75
C ALA A 136 14.35 -1.64 -20.73
N ASP A 137 15.69 -1.63 -20.57
CA ASP A 137 16.59 -0.82 -21.40
C ASP A 137 18.01 -1.40 -21.40
N THR A 138 18.95 -0.73 -22.10
CA THR A 138 20.35 -1.16 -22.19
C THR A 138 21.12 -1.18 -20.84
N ALA A 139 20.68 -0.35 -19.90
CA ALA A 139 21.29 -0.37 -18.55
C ALA A 139 20.83 -1.69 -17.87
N ALA A 140 19.53 -1.96 -17.93
CA ALA A 140 19.04 -3.19 -17.33
C ALA A 140 19.71 -4.41 -17.94
N GLN A 141 20.02 -4.35 -19.23
CA GLN A 141 20.72 -5.48 -19.90
C GLN A 141 22.07 -5.78 -19.27
N ILE A 142 22.70 -4.78 -18.67
CA ILE A 142 23.99 -5.01 -17.99
C ILE A 142 23.73 -5.88 -16.78
N THR A 143 22.68 -5.57 -16.01
CA THR A 143 22.33 -6.39 -14.85
C THR A 143 21.93 -7.81 -15.33
N GLN A 144 21.15 -7.89 -16.41
CA GLN A 144 20.76 -9.19 -16.95
C GLN A 144 21.98 -10.08 -17.25
N ARG A 145 22.97 -9.52 -17.95
CA ARG A 145 24.20 -10.23 -18.31
C ARG A 145 24.94 -10.78 -17.11
N LYS A 146 25.08 -9.98 -16.06
CA LYS A 146 25.77 -10.44 -14.86
C LYS A 146 24.98 -11.54 -14.13
N TRP A 147 23.65 -11.43 -14.13
CA TRP A 147 22.77 -12.41 -13.47
C TRP A 147 22.76 -13.76 -14.18
N GLU A 148 22.72 -13.72 -15.51
CA GLU A 148 22.76 -14.93 -16.31
C GLU A 148 24.09 -15.66 -16.07
N ALA A 149 25.19 -14.90 -16.06
CA ALA A 149 26.52 -15.46 -15.85
C ALA A 149 26.75 -16.13 -14.49
N ALA A 150 26.22 -15.51 -13.44
CA ALA A 150 26.35 -16.04 -12.09
C ALA A 150 25.26 -17.04 -11.72
N ARG A 151 24.29 -17.24 -12.61
CA ARG A 151 23.19 -18.19 -12.37
C ARG A 151 22.35 -17.81 -11.12
N VAL A 152 21.91 -16.56 -11.12
CA VAL A 152 21.13 -15.98 -10.04
C VAL A 152 19.68 -16.46 -10.05
N ALA A 153 19.06 -16.51 -11.22
CA ALA A 153 17.66 -16.97 -11.35
C ALA A 153 17.45 -18.33 -10.64
N GLU A 154 18.48 -19.17 -10.63
CA GLU A 154 18.44 -20.47 -9.99
C GLU A 154 18.33 -20.40 -8.48
N GLN A 155 18.91 -19.35 -7.91
CA GLN A 155 18.89 -19.10 -6.46
C GLN A 155 17.51 -18.52 -6.10
N ASP A 156 17.05 -17.55 -6.87
CA ASP A 156 15.74 -16.95 -6.63
C ASP A 156 14.66 -18.01 -6.76
N ARG A 157 14.77 -18.87 -7.77
CA ARG A 157 13.80 -19.94 -7.99
C ARG A 157 13.75 -20.93 -6.82
N ALA A 158 14.90 -21.36 -6.31
CA ALA A 158 14.93 -22.30 -5.21
C ALA A 158 14.22 -21.73 -3.99
N TYR A 159 14.36 -20.41 -3.80
CA TYR A 159 13.72 -19.72 -2.69
C TYR A 159 12.23 -19.55 -2.97
N LEU A 160 11.87 -19.00 -4.13
CA LEU A 160 10.48 -18.75 -4.47
C LEU A 160 9.57 -19.98 -4.52
N GLU A 161 10.15 -21.15 -4.80
CA GLU A 161 9.42 -22.41 -4.89
C GLU A 161 9.52 -23.25 -3.61
N GLY A 162 10.58 -23.03 -2.84
CA GLY A 162 10.77 -23.80 -1.62
C GLY A 162 10.53 -23.01 -0.35
N THR A 163 11.59 -22.37 0.14
CA THR A 163 11.57 -21.56 1.34
C THR A 163 10.42 -20.56 1.46
N CYS A 164 10.10 -19.84 0.39
CA CYS A 164 9.02 -18.85 0.44
C CYS A 164 7.64 -19.47 0.68
N VAL A 165 7.38 -20.60 0.02
CA VAL A 165 6.10 -21.26 0.14
C VAL A 165 5.99 -21.92 1.53
N GLU A 166 7.10 -22.43 2.05
CA GLU A 166 7.15 -23.04 3.38
C GLU A 166 6.86 -22.00 4.48
N TRP A 167 7.47 -20.81 4.37
CA TRP A 167 7.24 -19.73 5.32
C TRP A 167 5.78 -19.28 5.28
N LEU A 168 5.27 -19.04 4.07
CA LEU A 168 3.88 -18.61 3.91
C LEU A 168 2.91 -19.60 4.55
N ARG A 169 3.14 -20.90 4.35
CA ARG A 169 2.30 -21.93 4.91
C ARG A 169 2.38 -21.92 6.43
N ARG A 170 3.57 -21.72 6.98
CA ARG A 170 3.74 -21.66 8.42
C ARG A 170 3.04 -20.42 8.98
N TYR A 171 3.25 -19.26 8.36
CA TYR A 171 2.60 -18.04 8.83
C TYR A 171 1.08 -18.14 8.77
N LEU A 172 0.57 -18.78 7.73
CA LEU A 172 -0.88 -18.91 7.60
C LEU A 172 -1.49 -19.77 8.73
N GLU A 173 -0.76 -20.78 9.21
CA GLU A 173 -1.20 -21.66 10.30
C GLU A 173 -1.15 -20.91 11.63
N ASN A 174 -0.02 -20.27 11.91
CA ASN A 174 0.19 -19.49 13.13
C ASN A 174 -0.75 -18.29 13.31
N GLY A 175 -1.21 -17.72 12.20
CA GLY A 175 -2.13 -16.59 12.26
C GLY A 175 -3.46 -16.86 11.60
N LYS A 176 -3.93 -18.10 11.68
CA LYS A 176 -5.19 -18.47 11.03
C LYS A 176 -6.45 -17.70 11.41
N ASP A 177 -6.55 -17.22 12.65
CA ASP A 177 -7.75 -16.46 13.11
C ASP A 177 -7.95 -15.12 12.42
N THR A 178 -6.88 -14.54 11.88
CA THR A 178 -6.99 -13.26 11.17
C THR A 178 -6.65 -13.40 9.68
N LEU A 179 -5.56 -14.09 9.38
CA LEU A 179 -5.13 -14.25 8.00
C LEU A 179 -6.14 -14.99 7.13
N GLU A 180 -6.77 -16.02 7.71
CA GLU A 180 -7.78 -16.85 7.02
C GLU A 180 -9.22 -16.37 7.25
N ARG A 181 -9.41 -15.18 7.81
CA ARG A 181 -10.76 -14.69 8.02
C ARG A 181 -11.06 -13.47 7.16
N ALA A 182 -12.14 -13.53 6.40
CA ALA A 182 -12.51 -12.37 5.59
C ALA A 182 -13.66 -11.64 6.28
N ASP A 183 -13.52 -10.32 6.45
CA ASP A 183 -14.57 -9.52 7.07
C ASP A 183 -15.35 -8.80 5.98
N PRO A 184 -16.66 -9.06 5.90
CA PRO A 184 -17.48 -8.42 4.89
C PRO A 184 -17.69 -6.94 5.17
N PRO A 185 -18.00 -6.17 4.13
CA PRO A 185 -18.22 -4.76 4.34
C PRO A 185 -19.62 -4.43 4.85
N LYS A 186 -19.73 -3.34 5.60
CA LYS A 186 -20.99 -2.81 6.09
C LYS A 186 -21.34 -1.83 4.97
N THR A 187 -22.55 -1.89 4.45
CA THR A 187 -22.90 -1.04 3.33
C THR A 187 -24.14 -0.18 3.53
N HIS A 188 -24.19 0.96 2.84
CA HIS A 188 -25.35 1.84 2.88
C HIS A 188 -25.23 2.96 1.84
N VAL A 189 -26.34 3.61 1.51
CA VAL A 189 -26.35 4.69 0.52
C VAL A 189 -26.79 5.98 1.21
N THR A 190 -26.06 7.09 0.97
CA THR A 190 -26.43 8.39 1.53
C THR A 190 -26.88 9.26 0.37
N HIS A 191 -27.57 10.35 0.67
CA HIS A 191 -28.12 11.23 -0.34
C HIS A 191 -27.84 12.71 -0.02
N HIS A 192 -27.25 13.44 -0.98
CA HIS A 192 -26.92 14.87 -0.76
C HIS A 192 -27.37 15.79 -1.87
N PRO A 193 -28.44 16.58 -1.64
CA PRO A 193 -28.90 17.51 -2.68
C PRO A 193 -27.77 18.46 -3.12
N ILE A 194 -27.84 18.89 -4.37
CA ILE A 194 -26.83 19.77 -4.94
C ILE A 194 -27.52 21.10 -5.30
N SER A 195 -28.72 20.98 -5.84
CA SER A 195 -29.55 22.11 -6.25
C SER A 195 -30.97 21.56 -6.30
N ASP A 196 -31.90 22.33 -6.85
CA ASP A 196 -33.28 21.85 -6.98
C ASP A 196 -33.38 20.73 -8.02
N HIS A 197 -32.36 20.67 -8.89
CA HIS A 197 -32.30 19.75 -10.02
C HIS A 197 -31.53 18.44 -9.85
N GLU A 198 -30.45 18.44 -9.07
CA GLU A 198 -29.65 17.23 -8.90
C GLU A 198 -29.26 16.92 -7.45
N ALA A 199 -28.85 15.67 -7.23
CA ALA A 199 -28.40 15.23 -5.92
C ALA A 199 -27.35 14.16 -6.16
N THR A 200 -26.52 13.92 -5.15
CA THR A 200 -25.50 12.88 -5.19
C THR A 200 -25.98 11.70 -4.36
N LEU A 201 -25.79 10.50 -4.87
CA LEU A 201 -26.09 9.26 -4.16
C LEU A 201 -24.68 8.68 -3.96
N ARG A 202 -24.30 8.40 -2.73
CA ARG A 202 -22.98 7.85 -2.45
C ARG A 202 -23.20 6.50 -1.81
N CYS A 203 -22.42 5.50 -2.22
CA CYS A 203 -22.56 4.15 -1.70
C CYS A 203 -21.32 3.79 -0.91
N TRP A 204 -21.50 3.39 0.35
CA TRP A 204 -20.42 3.06 1.28
C TRP A 204 -20.15 1.57 1.55
N ALA A 205 -18.87 1.26 1.78
CA ALA A 205 -18.41 -0.07 2.12
C ALA A 205 -17.36 0.20 3.21
N LEU A 206 -17.63 -0.29 4.42
CA LEU A 206 -16.76 -0.06 5.58
C LEU A 206 -16.41 -1.31 6.35
N GLY A 207 -15.23 -1.34 6.96
CA GLY A 207 -14.82 -2.46 7.77
C GLY A 207 -14.42 -3.77 7.11
N PHE A 208 -14.11 -3.71 5.82
CA PHE A 208 -13.74 -4.93 5.13
C PHE A 208 -12.27 -5.32 5.09
N TYR A 209 -12.06 -6.63 4.99
CA TYR A 209 -10.73 -7.21 4.88
C TYR A 209 -10.96 -8.52 4.12
N PRO A 210 -10.15 -8.79 3.06
CA PRO A 210 -9.07 -7.93 2.56
C PRO A 210 -9.56 -6.78 1.72
N ALA A 211 -8.63 -5.93 1.32
CA ALA A 211 -8.90 -4.72 0.55
C ALA A 211 -9.59 -4.86 -0.77
N GLU A 212 -9.39 -5.99 -1.47
CA GLU A 212 -10.03 -6.24 -2.78
C GLU A 212 -11.57 -6.14 -2.69
N ILE A 213 -12.18 -5.33 -3.56
CA ILE A 213 -13.62 -5.13 -3.53
C ILE A 213 -14.02 -4.41 -4.81
N THR A 214 -15.30 -4.47 -5.15
CA THR A 214 -15.84 -3.82 -6.36
C THR A 214 -17.17 -3.14 -6.08
N LEU A 215 -17.23 -1.81 -6.23
CA LEU A 215 -18.47 -1.08 -6.05
C LEU A 215 -18.82 -0.46 -7.40
N THR A 216 -20.09 -0.60 -7.82
CA THR A 216 -20.54 -0.04 -9.09
C THR A 216 -22.00 0.45 -9.00
N TRP A 217 -22.36 1.44 -9.82
CA TRP A 217 -23.70 2.00 -9.86
C TRP A 217 -24.30 1.71 -11.21
N GLN A 218 -25.62 1.52 -11.26
CA GLN A 218 -26.33 1.28 -12.50
C GLN A 218 -27.57 2.15 -12.54
N ARG A 219 -27.90 2.74 -13.69
CA ARG A 219 -29.15 3.49 -13.83
C ARG A 219 -29.97 2.65 -14.81
N ASP A 220 -31.08 2.09 -14.31
CA ASP A 220 -31.99 1.23 -15.07
C ASP A 220 -31.26 -0.06 -15.47
N GLY A 221 -30.41 -0.57 -14.58
CA GLY A 221 -29.66 -1.79 -14.86
C GLY A 221 -28.38 -1.65 -15.72
N GLU A 222 -28.12 -0.44 -16.21
CA GLU A 222 -26.96 -0.15 -17.06
C GLU A 222 -25.81 0.47 -16.24
N ASP A 223 -24.65 -0.17 -16.22
CA ASP A 223 -23.51 0.37 -15.47
C ASP A 223 -23.19 1.80 -15.87
N GLN A 224 -22.90 2.64 -14.88
CA GLN A 224 -22.60 4.05 -15.14
C GLN A 224 -21.12 4.33 -14.96
N THR A 225 -20.29 3.43 -15.45
CA THR A 225 -18.85 3.53 -15.30
C THR A 225 -18.24 4.91 -15.58
N GLN A 226 -18.62 5.54 -16.71
CA GLN A 226 -18.09 6.86 -17.07
C GLN A 226 -18.57 8.00 -16.17
N ASP A 227 -19.71 7.82 -15.50
CA ASP A 227 -20.29 8.87 -14.66
C ASP A 227 -20.14 8.70 -13.14
N THR A 228 -19.50 7.61 -12.74
CA THR A 228 -19.32 7.30 -11.34
C THR A 228 -17.98 7.79 -10.79
N GLU A 229 -18.02 8.48 -9.64
CA GLU A 229 -16.78 8.92 -8.99
C GLU A 229 -16.41 7.88 -7.94
N LEU A 230 -15.21 7.36 -8.05
CA LEU A 230 -14.69 6.32 -7.17
C LEU A 230 -13.44 6.82 -6.40
N VAL A 231 -13.37 6.59 -5.09
CA VAL A 231 -12.17 6.99 -4.37
C VAL A 231 -11.34 5.73 -4.17
N GLU A 232 -10.05 5.90 -3.99
CA GLU A 232 -9.18 4.78 -3.78
C GLU A 232 -9.44 4.18 -2.40
N THR A 233 -9.43 2.85 -2.36
CA THR A 233 -9.62 2.08 -1.16
C THR A 233 -8.57 2.57 -0.14
N ARG A 234 -9.03 2.90 1.07
CA ARG A 234 -8.17 3.44 2.12
C ARG A 234 -8.23 2.67 3.45
N PRO A 235 -7.08 2.56 4.15
CA PRO A 235 -7.00 1.84 5.43
C PRO A 235 -7.65 2.63 6.58
N ALA A 236 -8.41 1.93 7.42
CA ALA A 236 -9.08 2.57 8.54
C ALA A 236 -8.15 2.66 9.75
N GLY A 237 -7.22 1.72 9.86
CA GLY A 237 -6.28 1.72 10.96
C GLY A 237 -6.47 0.56 11.92
N ASP A 238 -7.55 -0.19 11.74
CA ASP A 238 -7.87 -1.34 12.59
C ASP A 238 -7.68 -2.68 11.83
N ARG A 239 -6.95 -2.60 10.70
CA ARG A 239 -6.65 -3.72 9.77
C ARG A 239 -7.60 -3.73 8.60
N THR A 240 -8.74 -3.06 8.76
CA THR A 240 -9.79 -2.99 7.73
C THR A 240 -9.66 -1.82 6.75
N PHE A 241 -10.52 -1.81 5.72
CA PHE A 241 -10.50 -0.81 4.67
C PHE A 241 -11.87 -0.20 4.45
N GLN A 242 -11.90 0.89 3.69
CA GLN A 242 -13.14 1.61 3.39
C GLN A 242 -13.08 2.02 1.91
N LYS A 243 -14.23 2.36 1.32
CA LYS A 243 -14.31 2.81 -0.07
C LYS A 243 -15.71 3.32 -0.38
N TRP A 244 -15.85 4.26 -1.33
CA TRP A 244 -17.17 4.72 -1.76
C TRP A 244 -17.21 5.05 -3.25
N ALA A 245 -18.42 5.06 -3.81
CA ALA A 245 -18.67 5.40 -5.23
C ALA A 245 -19.85 6.35 -5.24
N ALA A 246 -19.79 7.40 -6.05
CA ALA A 246 -20.90 8.34 -6.09
C ALA A 246 -21.34 8.68 -7.49
N VAL A 247 -22.59 9.09 -7.61
CA VAL A 247 -23.16 9.45 -8.89
C VAL A 247 -24.13 10.63 -8.65
N VAL A 248 -24.14 11.60 -9.56
CA VAL A 248 -25.04 12.76 -9.49
C VAL A 248 -26.26 12.39 -10.34
N VAL A 249 -27.44 12.41 -9.75
CA VAL A 249 -28.66 12.02 -10.43
C VAL A 249 -29.70 13.15 -10.41
N PRO A 250 -30.64 13.15 -11.36
CA PRO A 250 -31.65 14.22 -11.34
C PRO A 250 -32.65 13.97 -10.20
N SER A 251 -33.15 15.05 -9.59
CA SER A 251 -34.11 14.94 -8.49
C SER A 251 -35.37 14.22 -8.92
N GLY A 252 -35.75 13.20 -8.15
CA GLY A 252 -36.93 12.43 -8.47
C GLY A 252 -36.67 11.10 -9.18
N GLU A 253 -35.43 10.91 -9.65
CA GLU A 253 -35.05 9.69 -10.36
C GLU A 253 -34.14 8.78 -9.52
N GLU A 254 -34.06 9.06 -8.22
CA GLU A 254 -33.19 8.28 -7.33
C GLU A 254 -33.47 6.81 -7.33
N GLN A 255 -34.73 6.43 -7.50
CA GLN A 255 -35.06 5.01 -7.49
C GLN A 255 -34.58 4.19 -8.71
N ARG A 256 -34.17 4.89 -9.77
CA ARG A 256 -33.64 4.28 -10.97
C ARG A 256 -32.15 3.86 -10.80
N TYR A 257 -31.57 4.09 -9.62
CA TYR A 257 -30.17 3.75 -9.38
C TYR A 257 -30.00 2.68 -8.33
N THR A 258 -29.06 1.76 -8.56
CA THR A 258 -28.76 0.67 -7.61
C THR A 258 -27.24 0.50 -7.55
N CYS A 259 -26.74 0.23 -6.35
CA CYS A 259 -25.32 0.05 -6.12
C CYS A 259 -25.07 -1.43 -5.93
N HIS A 260 -23.96 -1.95 -6.48
CA HIS A 260 -23.64 -3.39 -6.39
C HIS A 260 -22.29 -3.54 -5.75
N VAL A 261 -22.20 -4.47 -4.80
CA VAL A 261 -21.00 -4.70 -4.02
C VAL A 261 -20.57 -6.17 -4.11
N GLN A 262 -19.30 -6.40 -4.38
CA GLN A 262 -18.76 -7.75 -4.45
C GLN A 262 -17.57 -7.75 -3.54
N HIS A 263 -17.49 -8.74 -2.66
CA HIS A 263 -16.35 -8.86 -1.74
C HIS A 263 -16.25 -10.35 -1.40
N GLU A 264 -15.04 -10.85 -1.15
CA GLU A 264 -14.91 -12.26 -0.83
C GLU A 264 -15.51 -12.74 0.47
N GLY A 265 -15.84 -11.80 1.36
CA GLY A 265 -16.43 -12.15 2.64
C GLY A 265 -17.95 -12.17 2.55
N LEU A 266 -18.46 -11.88 1.36
CA LEU A 266 -19.88 -11.87 1.08
C LEU A 266 -20.24 -13.15 0.31
N PRO A 267 -21.24 -13.92 0.81
CA PRO A 267 -21.66 -15.17 0.15
C PRO A 267 -22.22 -14.87 -1.27
N LYS A 268 -23.05 -13.83 -1.35
CA LYS A 268 -23.65 -13.42 -2.60
C LYS A 268 -23.50 -11.91 -2.69
N PRO A 269 -23.21 -11.37 -3.87
CA PRO A 269 -23.04 -9.92 -4.08
C PRO A 269 -24.31 -9.16 -3.72
N LEU A 270 -24.15 -7.92 -3.25
CA LEU A 270 -25.27 -7.09 -2.81
C LEU A 270 -25.73 -6.03 -3.79
N THR A 271 -26.99 -5.66 -3.64
CA THR A 271 -27.63 -4.62 -4.44
C THR A 271 -28.34 -3.75 -3.40
N LEU A 272 -28.13 -2.43 -3.48
CA LEU A 272 -28.74 -1.47 -2.54
C LEU A 272 -29.16 -0.21 -3.28
N ARG A 273 -30.07 0.53 -2.67
CA ARG A 273 -30.54 1.78 -3.24
C ARG A 273 -30.83 2.73 -2.09
N TRP A 274 -31.02 4.00 -2.40
CA TRP A 274 -31.33 4.95 -1.37
C TRP A 274 -32.69 4.61 -0.76
N GLU A 275 -32.71 4.50 0.57
CA GLU A 275 -33.94 4.25 1.30
C GLU A 275 -34.21 5.50 2.11
N PRO A 276 -35.08 6.39 1.59
CA PRO A 276 -35.47 7.66 2.20
C PRO A 276 -35.99 7.51 3.64
N ILE B 1 11.05 10.63 -12.88
CA ILE B 1 9.57 10.85 -12.97
C ILE B 1 9.03 11.34 -11.61
N GLN B 2 7.93 12.09 -11.62
CA GLN B 2 7.35 12.60 -10.38
C GLN B 2 5.83 12.51 -10.42
N ARG B 3 5.24 11.98 -9.36
CA ARG B 3 3.78 11.85 -9.28
C ARG B 3 3.28 12.55 -8.02
N THR B 4 2.27 13.40 -8.17
CA THR B 4 1.73 14.14 -7.05
C THR B 4 0.76 13.33 -6.18
N PRO B 5 0.82 13.49 -4.85
CA PRO B 5 -0.06 12.73 -3.97
C PRO B 5 -1.53 13.01 -4.01
N LYS B 6 -2.28 11.92 -3.84
CA LYS B 6 -3.73 11.95 -3.74
C LYS B 6 -3.87 12.01 -2.23
N ILE B 7 -4.82 12.80 -1.74
CA ILE B 7 -5.00 13.00 -0.30
C ILE B 7 -6.42 12.74 0.20
N GLN B 8 -6.58 11.86 1.19
CA GLN B 8 -7.92 11.62 1.75
C GLN B 8 -7.91 11.84 3.27
N VAL B 9 -8.85 12.65 3.77
CA VAL B 9 -8.99 12.95 5.22
C VAL B 9 -10.36 12.38 5.68
N TYR B 10 -10.34 11.55 6.71
CA TYR B 10 -11.56 10.87 7.18
C TYR B 10 -11.30 10.19 8.53
N SER B 11 -12.37 9.70 9.17
CA SER B 11 -12.23 9.04 10.48
C SER B 11 -12.34 7.52 10.41
N ARG B 12 -11.72 6.83 11.37
CA ARG B 12 -11.76 5.37 11.44
C ARG B 12 -13.20 4.82 11.54
N HIS B 13 -14.03 5.46 12.38
CA HIS B 13 -15.43 5.10 12.61
C HIS B 13 -16.30 6.31 12.23
N PRO B 14 -17.62 6.11 11.97
CA PRO B 14 -18.46 7.28 11.60
C PRO B 14 -18.36 8.38 12.68
N ALA B 15 -18.41 9.64 12.25
CA ALA B 15 -18.29 10.76 13.19
C ALA B 15 -19.52 11.01 14.07
N GLU B 16 -19.29 11.02 15.38
CA GLU B 16 -20.34 11.30 16.34
C GLU B 16 -19.79 12.39 17.28
N ASN B 17 -20.33 13.62 17.18
CA ASN B 17 -19.90 14.76 18.04
C ASN B 17 -19.80 14.33 19.49
N GLY B 18 -18.59 14.33 20.05
CA GLY B 18 -18.41 13.94 21.45
C GLY B 18 -17.82 12.57 21.73
N LYS B 19 -17.86 11.67 20.75
CA LYS B 19 -17.32 10.33 20.92
C LYS B 19 -15.90 10.28 20.33
N SER B 20 -14.99 9.63 21.08
CA SER B 20 -13.59 9.50 20.67
C SER B 20 -13.50 8.67 19.39
N ASN B 21 -12.60 9.08 18.50
CA ASN B 21 -12.43 8.45 17.19
C ASN B 21 -10.95 8.57 16.82
N PHE B 22 -10.64 8.41 15.53
CA PHE B 22 -9.28 8.53 14.97
C PHE B 22 -9.38 9.33 13.70
N LEU B 23 -8.58 10.39 13.59
CA LEU B 23 -8.55 11.23 12.38
C LEU B 23 -7.46 10.62 11.53
N ASN B 24 -7.78 10.38 10.27
CA ASN B 24 -6.83 9.74 9.36
C ASN B 24 -6.52 10.63 8.18
N CYS B 25 -5.25 10.65 7.78
CA CYS B 25 -4.85 11.36 6.55
C CYS B 25 -4.04 10.31 5.81
N TYR B 26 -4.55 9.93 4.65
CA TYR B 26 -3.92 8.90 3.84
C TYR B 26 -3.43 9.51 2.52
N VAL B 27 -2.11 9.44 2.29
CA VAL B 27 -1.53 9.97 1.08
C VAL B 27 -1.03 8.81 0.23
N SER B 28 -1.33 8.86 -1.06
CA SER B 28 -0.92 7.78 -1.94
C SER B 28 -0.64 8.22 -3.38
N GLY B 29 -0.15 7.27 -4.17
CA GLY B 29 0.15 7.53 -5.57
C GLY B 29 1.25 8.52 -5.87
N PHE B 30 2.17 8.71 -4.92
CA PHE B 30 3.24 9.69 -5.10
C PHE B 30 4.63 9.11 -5.32
N HIS B 31 5.49 9.91 -5.96
CA HIS B 31 6.87 9.51 -6.24
C HIS B 31 7.63 10.83 -6.48
N PRO B 32 8.81 11.03 -5.85
CA PRO B 32 9.50 10.12 -4.91
C PRO B 32 8.86 10.07 -3.50
N SER B 33 9.45 9.30 -2.59
CA SER B 33 8.90 9.09 -1.26
C SER B 33 8.96 10.20 -0.20
N ASP B 34 9.73 11.26 -0.45
CA ASP B 34 9.84 12.35 0.52
C ASP B 34 8.54 13.11 0.52
N ILE B 35 7.94 13.23 1.69
CA ILE B 35 6.68 13.95 1.82
C ILE B 35 6.52 14.45 3.28
N GLU B 36 5.82 15.57 3.48
CA GLU B 36 5.60 16.09 4.83
C GLU B 36 4.10 16.29 5.03
N VAL B 37 3.59 15.66 6.08
CA VAL B 37 2.17 15.72 6.41
C VAL B 37 1.88 16.19 7.83
N ASP B 38 0.91 17.10 7.95
CA ASP B 38 0.48 17.65 9.24
C ASP B 38 -1.03 17.53 9.38
N LEU B 39 -1.49 17.16 10.57
CA LEU B 39 -2.91 17.06 10.89
C LEU B 39 -3.19 18.33 11.70
N LEU B 40 -4.12 19.14 11.20
CA LEU B 40 -4.48 20.42 11.83
C LEU B 40 -5.83 20.46 12.56
N LYS B 41 -5.84 21.21 13.66
CA LYS B 41 -7.03 21.43 14.50
C LYS B 41 -7.20 22.96 14.61
N ASN B 42 -8.15 23.52 13.88
CA ASN B 42 -8.40 24.96 13.89
C ASN B 42 -7.09 25.69 13.52
N GLY B 43 -6.43 25.22 12.46
CA GLY B 43 -5.18 25.81 12.02
C GLY B 43 -3.91 25.44 12.77
N GLU B 44 -4.02 24.75 13.89
CA GLU B 44 -2.85 24.38 14.69
C GLU B 44 -2.39 22.94 14.48
N ARG B 45 -1.08 22.72 14.46
CA ARG B 45 -0.54 21.39 14.24
C ARG B 45 -0.77 20.53 15.45
N ILE B 46 -1.05 19.24 15.22
CA ILE B 46 -1.27 18.27 16.31
C ILE B 46 0.03 17.49 16.50
N GLU B 47 0.53 17.45 17.74
CA GLU B 47 1.80 16.76 18.07
C GLU B 47 1.82 15.22 18.18
N LYS B 48 0.78 14.65 18.77
CA LYS B 48 0.68 13.20 18.90
C LYS B 48 0.20 12.64 17.54
N VAL B 49 1.06 12.61 16.53
CA VAL B 49 0.66 12.09 15.22
C VAL B 49 1.60 10.99 14.75
N GLU B 50 1.05 9.81 14.53
CA GLU B 50 1.86 8.69 14.07
C GLU B 50 1.64 8.38 12.60
N HIS B 51 2.39 7.40 12.09
CA HIS B 51 2.25 7.00 10.71
C HIS B 51 2.76 5.57 10.44
N SER B 52 2.21 4.98 9.37
CA SER B 52 2.57 3.63 8.94
C SER B 52 3.97 3.60 8.31
N ASP B 53 4.57 2.42 8.28
CA ASP B 53 5.90 2.24 7.69
C ASP B 53 5.80 2.38 6.16
N LEU B 54 6.80 3.03 5.55
CA LEU B 54 6.82 3.24 4.10
C LEU B 54 6.62 1.98 3.27
N SER B 55 5.71 2.08 2.32
CA SER B 55 5.45 0.99 1.41
C SER B 55 4.89 1.56 0.13
N PHE B 56 4.68 0.68 -0.86
CA PHE B 56 4.19 1.10 -2.18
C PHE B 56 3.28 0.07 -2.85
N SER B 57 2.46 0.55 -3.78
CA SER B 57 1.52 -0.25 -4.56
C SER B 57 2.21 -0.97 -5.72
N LYS B 58 1.45 -1.80 -6.44
CA LYS B 58 1.92 -2.58 -7.59
C LYS B 58 2.55 -1.68 -8.69
N ASP B 59 2.06 -0.45 -8.84
CA ASP B 59 2.62 0.48 -9.83
C ASP B 59 3.82 1.30 -9.34
N TRP B 60 4.37 0.92 -8.18
CA TRP B 60 5.54 1.58 -7.57
C TRP B 60 5.30 2.92 -6.82
N SER B 61 4.07 3.46 -6.84
CA SER B 61 3.78 4.72 -6.16
C SER B 61 3.64 4.43 -4.67
N PHE B 62 4.20 5.29 -3.83
CA PHE B 62 4.18 5.12 -2.38
C PHE B 62 2.83 5.47 -1.70
N TYR B 63 2.65 5.02 -0.47
CA TYR B 63 1.45 5.38 0.27
C TYR B 63 1.79 5.35 1.74
N LEU B 64 1.18 6.28 2.49
CA LEU B 64 1.40 6.38 3.95
C LEU B 64 0.12 6.77 4.67
N LEU B 65 -0.12 6.18 5.85
CA LEU B 65 -1.30 6.55 6.63
C LEU B 65 -0.84 7.33 7.88
N TYR B 66 -1.31 8.57 8.05
CA TYR B 66 -1.00 9.40 9.24
C TYR B 66 -2.31 9.46 10.06
N TYR B 67 -2.22 9.20 11.36
CA TYR B 67 -3.41 9.19 12.22
C TYR B 67 -3.21 9.78 13.61
N THR B 68 -4.32 10.18 14.23
CA THR B 68 -4.29 10.74 15.57
C THR B 68 -5.65 10.58 16.26
N GLU B 69 -5.63 10.30 17.55
CA GLU B 69 -6.84 10.16 18.34
C GLU B 69 -7.46 11.57 18.43
N PHE B 70 -8.78 11.67 18.31
CA PHE B 70 -9.43 12.96 18.38
C PHE B 70 -10.91 12.79 18.75
N THR B 71 -11.60 13.88 19.06
CA THR B 71 -13.01 13.82 19.43
C THR B 71 -13.71 14.95 18.68
N PRO B 72 -14.48 14.60 17.64
CA PRO B 72 -15.22 15.56 16.80
C PRO B 72 -16.23 16.38 17.59
N THR B 73 -16.54 17.56 17.10
CA THR B 73 -17.55 18.44 17.71
C THR B 73 -18.14 19.21 16.53
N GLU B 74 -19.18 20.00 16.75
CA GLU B 74 -19.79 20.72 15.62
C GLU B 74 -19.01 21.97 15.23
N LYS B 75 -18.25 22.51 16.18
CA LYS B 75 -17.47 23.71 15.93
C LYS B 75 -16.06 23.48 15.37
N ASP B 76 -15.35 22.47 15.87
CA ASP B 76 -13.98 22.17 15.45
C ASP B 76 -13.75 21.91 13.95
N GLU B 77 -12.67 22.47 13.42
CA GLU B 77 -12.30 22.29 12.02
C GLU B 77 -11.00 21.47 11.97
N TYR B 78 -11.03 20.35 11.24
CA TYR B 78 -9.85 19.50 11.09
C TYR B 78 -9.38 19.48 9.63
N ALA B 79 -8.08 19.26 9.43
CA ALA B 79 -7.52 19.24 8.08
C ALA B 79 -6.19 18.54 8.02
N CYS B 80 -5.75 18.28 6.79
CA CYS B 80 -4.45 17.65 6.54
C CYS B 80 -3.68 18.60 5.61
N ARG B 81 -2.41 18.85 5.91
CA ARG B 81 -1.59 19.75 5.09
C ARG B 81 -0.42 18.92 4.58
N VAL B 82 -0.27 18.85 3.27
CA VAL B 82 0.78 18.02 2.69
C VAL B 82 1.72 18.76 1.78
N ASN B 83 3.01 18.46 1.91
CA ASN B 83 4.00 19.04 1.02
C ASN B 83 4.84 17.91 0.42
N HIS B 84 5.07 18.05 -0.89
CA HIS B 84 5.83 17.10 -1.70
C HIS B 84 6.44 17.95 -2.82
N VAL B 85 7.53 17.45 -3.41
CA VAL B 85 8.22 18.14 -4.50
C VAL B 85 7.32 18.55 -5.68
N THR B 86 6.22 17.85 -5.91
CA THR B 86 5.30 18.21 -7.02
C THR B 86 4.43 19.42 -6.69
N LEU B 87 4.41 19.82 -5.42
CA LEU B 87 3.59 20.93 -4.95
C LEU B 87 4.35 22.24 -4.67
N SER B 88 3.86 23.35 -5.26
CA SER B 88 4.49 24.68 -5.07
C SER B 88 4.27 25.22 -3.67
N GLN B 89 3.06 25.01 -3.15
CA GLN B 89 2.69 25.43 -1.79
C GLN B 89 2.04 24.23 -1.12
N PRO B 90 2.22 24.10 0.20
CA PRO B 90 1.61 22.97 0.90
C PRO B 90 0.11 22.95 0.53
N LYS B 91 -0.43 21.76 0.31
CA LYS B 91 -1.84 21.65 -0.03
C LYS B 91 -2.59 21.32 1.26
N ILE B 92 -3.71 22.02 1.44
CA ILE B 92 -4.56 21.84 2.62
C ILE B 92 -5.94 21.28 2.24
N VAL B 93 -6.27 20.12 2.80
CA VAL B 93 -7.55 19.44 2.56
C VAL B 93 -8.35 19.36 3.86
N LYS B 94 -9.53 19.98 3.85
CA LYS B 94 -10.40 19.99 5.04
C LYS B 94 -11.18 18.68 5.25
N TRP B 95 -11.24 18.22 6.49
CA TRP B 95 -12.00 16.99 6.80
C TRP B 95 -13.49 17.24 6.52
N ASP B 96 -14.07 16.38 5.68
CA ASP B 96 -15.47 16.46 5.32
C ASP B 96 -16.06 15.21 5.98
N ARG B 97 -16.97 15.45 6.91
CA ARG B 97 -17.65 14.40 7.68
C ARG B 97 -18.34 13.36 6.76
N ASP B 98 -18.71 13.78 5.54
CA ASP B 98 -19.40 12.93 4.58
C ASP B 98 -18.53 12.45 3.43
N MET B 99 -17.26 12.19 3.70
CA MET B 99 -16.36 11.73 2.65
C MET B 99 -15.20 10.88 3.15
N GLY C 1 10.04 -15.09 5.95
CA GLY C 1 11.52 -15.26 6.05
C GLY C 1 12.09 -14.61 4.81
N GLY C 2 13.18 -13.83 4.95
CA GLY C 2 13.77 -13.15 3.80
C GLY C 2 14.79 -13.95 3.01
N ARG C 3 15.30 -13.31 1.96
CA ARG C 3 16.32 -13.92 1.07
C ARG C 3 17.47 -12.97 0.80
N LYS C 4 18.64 -13.55 0.57
CA LYS C 4 19.84 -12.78 0.26
C LYS C 4 19.66 -12.20 -1.15
N LYS C 5 19.76 -10.87 -1.27
CA LYS C 5 19.64 -10.18 -2.55
C LYS C 5 20.99 -10.11 -3.31
N TYR C 6 20.96 -9.79 -4.61
CA TYR C 6 22.16 -9.71 -5.47
C TYR C 6 22.35 -8.32 -6.05
N LYS C 7 23.60 -7.92 -6.26
CA LYS C 7 23.90 -6.58 -6.81
C LYS C 7 23.53 -6.46 -8.27
N LEU C 8 22.89 -5.34 -8.61
CA LEU C 8 22.51 -5.06 -9.98
C LEU C 8 23.73 -4.63 -10.82
#